data_3QD3
#
_entry.id   3QD3
#
_cell.length_a   123.533
_cell.length_b   123.533
_cell.length_c   46.870
_cell.angle_alpha   90.000
_cell.angle_beta   90.000
_cell.angle_gamma   120.000
#
_symmetry.space_group_name_H-M   'P 32 2 1'
#
loop_
_entity.id
_entity.type
_entity.pdbx_description
1 polymer '3-phosphoinositide-dependent protein kinase 1'
2 non-polymer 'tert-butyl {(3R,6S)-1-[2-amino-6-(3-amino-2H-indazol-6-yl)pyrimidin-4-yl]-6-methylpiperidin-3-yl}carbamate'
3 non-polymer 'SULFATE ION'
4 non-polymer GLYCEROL
5 water water
#
_entity_poly.entity_id   1
_entity_poly.type   'polypeptide(L)'
_entity_poly.pdbx_seq_one_letter_code
;GPAMDGTAAEPRPGAGSLQHAQPPPQPRKKRPEDFKFGKILGEGSFSTVVLARELATSREYAIKILEKRHIIKENKVPYV
TRERDVMSRLDHPFFVKLYFTFQDDEKLYFGLSYAKNGELLKYIRKIGSFDETCTRFYTAEIVSALEYLHGKGIIHRDLK
PENILLNEDMHIQITDFGTAKVLSPESKQARAN(SEP)FVGTAQYVSPELLTEKSACKSSDLWALGCIIYQLVAGLPPFR
AGNEYLIFQKIIKLEYDFPEKFFPKARDLVEKLLVLDATKRLGCEEMEGYGPLKAHPFFESVTWENLHQQTPPKLT
;
_entity_poly.pdbx_strand_id   A
#
loop_
_chem_comp.id
_chem_comp.type
_chem_comp.name
_chem_comp.formula
3Q5 non-polymer 'tert-butyl {(3R,6S)-1-[2-amino-6-(3-amino-2H-indazol-6-yl)pyrimidin-4-yl]-6-methylpiperidin-3-yl}carbamate' 'C22 H30 N8 O2'
GOL non-polymer GLYCEROL 'C3 H8 O3'
SO4 non-polymer 'SULFATE ION' 'O4 S -2'
#
# COMPACT_ATOMS: atom_id res chain seq x y z
N PRO A 24 12.87 28.37 8.24
CA PRO A 24 11.91 28.83 9.24
C PRO A 24 12.00 28.01 10.52
N PRO A 25 11.53 28.57 11.64
CA PRO A 25 11.49 27.83 12.90
C PRO A 25 10.32 26.84 12.91
N GLN A 26 10.61 25.59 13.21
CA GLN A 26 9.57 24.57 13.35
C GLN A 26 9.27 24.33 14.83
N PRO A 27 8.18 23.60 15.12
CA PRO A 27 7.88 23.29 16.53
C PRO A 27 8.99 22.46 17.15
N ARG A 28 9.24 22.62 18.46
CA ARG A 28 10.28 21.85 19.13
C ARG A 28 10.02 20.35 19.00
N LYS A 29 11.05 19.54 19.19
CA LYS A 29 10.89 18.09 19.13
C LYS A 29 9.81 17.67 20.10
N LYS A 30 9.01 16.69 19.72
CA LYS A 30 8.07 16.11 20.65
C LYS A 30 8.81 15.04 21.44
N ARG A 31 8.19 14.53 22.51
CA ARG A 31 8.80 13.49 23.33
C ARG A 31 7.71 12.54 23.84
N PRO A 32 8.10 11.35 24.35
CA PRO A 32 7.04 10.42 24.73
C PRO A 32 6.03 11.01 25.71
N GLU A 33 6.47 11.89 26.61
CA GLU A 33 5.58 12.43 27.64
C GLU A 33 4.54 13.40 27.08
N ASP A 34 4.69 13.81 25.83
CA ASP A 34 3.72 14.69 25.20
C ASP A 34 2.46 13.93 24.79
N PHE A 35 2.50 12.60 24.91
CA PHE A 35 1.42 11.75 24.43
C PHE A 35 0.87 10.84 25.51
N LYS A 36 -0.41 10.52 25.36
CA LYS A 36 -1.00 9.40 26.05
C LYS A 36 -1.08 8.25 25.05
N PHE A 37 -0.30 7.19 25.27
CA PHE A 37 -0.34 6.03 24.37
C PHE A 37 -1.54 5.14 24.67
N GLY A 38 -2.08 4.53 23.63
CA GLY A 38 -3.20 3.61 23.76
C GLY A 38 -2.95 2.24 23.14
N LYS A 39 -3.91 1.78 22.35
CA LYS A 39 -3.86 0.42 21.82
C LYS A 39 -2.88 0.28 20.67
N ILE A 40 -2.42 -0.95 20.49
CA ILE A 40 -1.53 -1.30 19.40
C ILE A 40 -2.32 -1.37 18.09
N LEU A 41 -1.80 -0.71 17.06
CA LEU A 41 -2.46 -0.62 15.76
C LEU A 41 -1.87 -1.62 14.75
N GLY A 42 -0.61 -1.95 14.94
CA GLY A 42 0.05 -2.90 14.07
C GLY A 42 1.40 -3.31 14.63
N GLU A 43 1.88 -4.47 14.17
CA GLU A 43 3.06 -5.09 14.76
C GLU A 43 3.87 -5.80 13.71
N GLY A 44 5.19 -5.66 13.80
CA GLY A 44 6.13 -6.46 13.02
C GLY A 44 7.24 -6.92 13.98
N SER A 45 8.20 -7.68 13.48
CA SER A 45 9.25 -8.14 14.39
C SER A 45 10.23 -7.04 14.77
N PHE A 46 10.20 -5.91 14.06
CA PHE A 46 11.11 -4.81 14.34
C PHE A 46 10.47 -3.50 14.82
N SER A 47 9.14 -3.44 14.80
CA SER A 47 8.49 -2.22 15.19
C SER A 47 7.05 -2.49 15.57
N THR A 48 6.46 -1.53 16.28
CA THR A 48 5.09 -1.62 16.72
C THR A 48 4.45 -0.26 16.50
N VAL A 49 3.24 -0.24 15.94
CA VAL A 49 2.54 1.01 15.74
C VAL A 49 1.49 1.16 16.84
N VAL A 50 1.55 2.25 17.57
CA VAL A 50 0.65 2.47 18.71
C VAL A 50 -0.14 3.75 18.55
N LEU A 51 -1.44 3.68 18.84
CA LEU A 51 -2.27 4.86 18.81
C LEU A 51 -1.85 5.77 19.95
N ALA A 52 -1.67 7.05 19.69
CA ALA A 52 -1.31 8.01 20.74
C ALA A 52 -2.09 9.28 20.57
N ARG A 53 -2.50 9.87 21.68
CA ARG A 53 -3.16 11.17 21.66
C ARG A 53 -2.20 12.23 22.18
N GLU A 54 -1.97 13.27 21.37
CA GLU A 54 -1.07 14.34 21.80
C GLU A 54 -1.82 15.17 22.83
N LEU A 55 -1.23 15.36 24.00
CA LEU A 55 -1.96 16.00 25.10
C LEU A 55 -2.29 17.46 24.84
N ALA A 56 -1.34 18.19 24.27
CA ALA A 56 -1.52 19.62 24.03
C ALA A 56 -2.59 19.96 22.97
N THR A 57 -2.92 19.00 22.12
CA THR A 57 -3.75 19.30 20.94
C THR A 57 -4.95 18.38 20.83
N SER A 58 -4.93 17.31 21.61
CA SER A 58 -5.90 16.21 21.51
C SER A 58 -5.90 15.49 20.15
N ARG A 59 -4.88 15.75 19.34
CA ARG A 59 -4.76 15.05 18.05
C ARG A 59 -4.33 13.60 18.24
N GLU A 60 -4.88 12.70 17.43
CA GLU A 60 -4.43 11.32 17.42
C GLU A 60 -3.44 11.05 16.30
N TYR A 61 -2.39 10.29 16.64
CA TYR A 61 -1.40 9.84 15.67
C TYR A 61 -1.17 8.35 15.86
N ALA A 62 -0.77 7.68 14.78
CA ALA A 62 -0.28 6.32 14.84
C ALA A 62 1.23 6.47 14.99
N ILE A 63 1.74 6.18 16.19
CA ILE A 63 3.16 6.34 16.41
C ILE A 63 3.89 5.02 16.26
N LYS A 64 4.79 4.95 15.28
CA LYS A 64 5.56 3.75 15.10
C LYS A 64 6.79 3.82 16.00
N ILE A 65 6.96 2.80 16.83
CA ILE A 65 8.06 2.73 17.79
C ILE A 65 9.07 1.65 17.38
N LEU A 66 10.33 2.04 17.22
CA LEU A 66 11.35 1.11 16.77
C LEU A 66 12.49 1.05 17.78
N GLU A 67 12.86 -0.16 18.20
CA GLU A 67 13.93 -0.27 19.17
C GLU A 67 15.27 -0.22 18.42
N LYS A 68 16.09 0.78 18.73
CA LYS A 68 17.34 0.95 17.99
C LYS A 68 18.22 -0.32 18.00
N ARG A 69 18.47 -0.88 19.17
CA ARG A 69 19.35 -2.05 19.28
C ARG A 69 18.96 -3.17 18.32
N HIS A 70 17.67 -3.51 18.29
CA HIS A 70 17.19 -4.60 17.46
C HIS A 70 17.35 -4.25 15.98
N ILE A 71 17.07 -3.01 15.62
CA ILE A 71 17.21 -2.57 14.23
C ILE A 71 18.67 -2.68 13.77
N ILE A 72 19.58 -2.18 14.59
CA ILE A 72 21.00 -2.29 14.32
C ILE A 72 21.40 -3.76 14.24
N LYS A 73 21.03 -4.52 15.26
CA LYS A 73 21.41 -5.92 15.35
C LYS A 73 21.02 -6.73 14.11
N GLU A 74 19.88 -6.42 13.52
CA GLU A 74 19.41 -7.18 12.37
C GLU A 74 19.61 -6.47 11.02
N ASN A 75 20.43 -5.42 11.02
CA ASN A 75 20.78 -4.69 9.80
C ASN A 75 19.58 -4.07 9.07
N LYS A 76 18.67 -3.46 9.82
CA LYS A 76 17.50 -2.84 9.22
C LYS A 76 17.63 -1.34 9.09
N VAL A 77 18.80 -0.78 9.40
CA VAL A 77 18.92 0.67 9.36
C VAL A 77 18.55 1.26 8.00
N PRO A 78 18.96 0.60 6.89
CA PRO A 78 18.61 1.18 5.59
C PRO A 78 17.10 1.22 5.36
N TYR A 79 16.36 0.26 5.88
CA TYR A 79 14.91 0.24 5.68
C TYR A 79 14.22 1.32 6.48
N VAL A 80 14.61 1.45 7.73
CA VAL A 80 14.06 2.52 8.56
C VAL A 80 14.34 3.89 7.95
N THR A 81 15.57 4.07 7.49
CA THR A 81 15.98 5.32 6.90
C THR A 81 15.15 5.61 5.65
N ARG A 82 14.96 4.57 4.83
CA ARG A 82 14.18 4.66 3.61
C ARG A 82 12.74 5.10 3.88
N GLU A 83 12.10 4.47 4.86
CA GLU A 83 10.71 4.83 5.17
C GLU A 83 10.59 6.27 5.62
N ARG A 84 11.48 6.69 6.52
CA ARG A 84 11.45 8.06 7.00
C ARG A 84 11.63 9.03 5.83
N ASP A 85 12.61 8.74 4.97
CA ASP A 85 12.87 9.60 3.83
C ASP A 85 11.67 9.65 2.87
N VAL A 86 11.13 8.49 2.52
CA VAL A 86 10.00 8.45 1.61
C VAL A 86 8.76 9.15 2.17
N MET A 87 8.39 8.80 3.40
CA MET A 87 7.13 9.25 4.00
C MET A 87 7.14 10.73 4.37
N SER A 88 8.34 11.30 4.43
CA SER A 88 8.50 12.74 4.61
C SER A 88 8.24 13.48 3.30
N ARG A 89 8.71 12.89 2.19
CA ARG A 89 8.66 13.49 0.86
C ARG A 89 7.29 13.47 0.22
N LEU A 90 6.43 12.55 0.65
CA LEU A 90 5.13 12.40 0.00
C LEU A 90 4.18 13.44 0.55
N ASP A 91 3.39 14.04 -0.33
CA ASP A 91 2.43 15.04 0.10
C ASP A 91 1.15 14.85 -0.70
N HIS A 92 0.37 13.84 -0.33
CA HIS A 92 -0.81 13.49 -1.10
C HIS A 92 -1.76 12.79 -0.14
N PRO A 93 -3.07 13.07 -0.25
CA PRO A 93 -4.07 12.56 0.69
C PRO A 93 -4.18 11.03 0.73
N PHE A 94 -3.78 10.32 -0.32
CA PHE A 94 -3.93 8.86 -0.32
C PHE A 94 -2.72 8.15 0.27
N PHE A 95 -1.89 8.89 0.99
CA PHE A 95 -0.73 8.30 1.66
C PHE A 95 -0.67 8.71 3.11
N VAL A 96 -0.39 7.74 3.98
CA VAL A 96 -0.08 8.06 5.37
C VAL A 96 1.10 9.03 5.38
N LYS A 97 1.00 10.08 6.20
CA LYS A 97 2.02 11.13 6.27
C LYS A 97 2.89 10.94 7.50
N LEU A 98 4.19 11.23 7.39
CA LEU A 98 5.07 11.29 8.55
C LEU A 98 5.16 12.74 9.03
N TYR A 99 4.64 12.99 10.23
CA TYR A 99 4.52 14.34 10.75
C TYR A 99 5.72 14.77 11.56
N PHE A 100 6.30 13.84 12.31
CA PHE A 100 7.42 14.13 13.17
C PHE A 100 8.17 12.86 13.54
N THR A 101 9.39 13.04 14.05
CA THR A 101 10.14 11.92 14.61
C THR A 101 10.80 12.40 15.89
N PHE A 102 11.08 11.48 16.80
CA PHE A 102 11.89 11.79 17.97
C PHE A 102 12.46 10.48 18.46
N GLN A 103 13.37 10.56 19.43
CA GLN A 103 13.87 9.32 20.02
C GLN A 103 14.15 9.50 21.50
N ASP A 104 14.23 8.38 22.20
CA ASP A 104 14.81 8.39 23.54
C ASP A 104 16.02 7.47 23.51
N ASP A 105 16.52 7.08 24.67
CA ASP A 105 17.70 6.21 24.71
C ASP A 105 17.52 4.92 23.90
N GLU A 106 16.37 4.27 24.01
CA GLU A 106 16.21 2.95 23.43
C GLU A 106 15.47 2.93 22.10
N LYS A 107 14.67 3.96 21.84
CA LYS A 107 13.65 3.89 20.81
C LYS A 107 13.59 5.09 19.87
N LEU A 108 13.28 4.84 18.59
CA LEU A 108 12.86 5.85 17.62
C LEU A 108 11.35 5.88 17.51
N TYR A 109 10.78 7.08 17.36
CA TYR A 109 9.34 7.23 17.22
C TYR A 109 9.03 8.00 15.94
N PHE A 110 8.11 7.45 15.12
CA PHE A 110 7.65 8.13 13.91
C PHE A 110 6.19 8.45 14.11
N GLY A 111 5.84 9.72 14.05
CA GLY A 111 4.45 10.13 14.16
C GLY A 111 3.78 10.07 12.80
N LEU A 112 2.86 9.13 12.61
CA LEU A 112 2.17 8.93 11.33
C LEU A 112 0.71 9.31 11.41
N SER A 113 0.11 9.60 10.25
CA SER A 113 -1.34 9.74 10.12
C SER A 113 -2.01 8.55 10.77
N TYR A 114 -3.10 8.81 11.48
CA TYR A 114 -3.90 7.75 12.05
C TYR A 114 -5.08 7.47 11.13
N ALA A 115 -5.11 6.28 10.52
CA ALA A 115 -6.23 5.89 9.67
C ALA A 115 -7.18 5.08 10.52
N LYS A 116 -8.27 5.71 10.93
CA LYS A 116 -9.12 5.18 12.00
C LYS A 116 -9.84 3.89 11.62
N ASN A 117 -10.12 3.70 10.35
CA ASN A 117 -10.84 2.50 9.94
C ASN A 117 -9.97 1.29 9.59
N GLY A 118 -8.66 1.43 9.77
CA GLY A 118 -7.77 0.29 9.65
C GLY A 118 -7.60 -0.24 8.22
N GLU A 119 -7.33 -1.53 8.10
CA GLU A 119 -6.90 -2.11 6.81
C GLU A 119 -8.05 -2.39 5.86
N LEU A 120 -7.80 -2.16 4.58
CA LEU A 120 -8.69 -2.61 3.53
C LEU A 120 -8.96 -4.12 3.66
N LEU A 121 -7.95 -4.89 4.05
CA LEU A 121 -8.11 -6.33 4.26
C LEU A 121 -9.28 -6.63 5.19
N LYS A 122 -9.42 -5.83 6.27
CA LYS A 122 -10.54 -6.02 7.19
C LYS A 122 -11.88 -5.94 6.48
N TYR A 123 -12.01 -4.99 5.57
CA TYR A 123 -13.29 -4.82 4.85
C TYR A 123 -13.56 -5.92 3.86
N ILE A 124 -12.53 -6.37 3.15
CA ILE A 124 -12.68 -7.52 2.28
C ILE A 124 -13.19 -8.71 3.09
N ARG A 125 -12.54 -9.01 4.21
CA ARG A 125 -12.97 -10.12 5.06
C ARG A 125 -14.40 -9.93 5.58
N LYS A 126 -14.70 -8.71 6.04
CA LYS A 126 -16.00 -8.41 6.66
C LYS A 126 -17.16 -8.57 5.69
N ILE A 127 -17.04 -7.99 4.49
CA ILE A 127 -18.15 -8.00 3.56
C ILE A 127 -18.03 -9.07 2.48
N GLY A 128 -16.90 -9.76 2.44
CA GLY A 128 -16.73 -10.90 1.55
C GLY A 128 -16.04 -10.53 0.25
N SER A 129 -16.74 -9.72 -0.55
CA SER A 129 -16.20 -9.20 -1.78
C SER A 129 -16.96 -7.92 -2.06
N PHE A 130 -16.39 -7.05 -2.88
CA PHE A 130 -16.98 -5.73 -3.14
C PHE A 130 -17.89 -5.75 -4.35
N ASP A 131 -18.95 -4.96 -4.33
CA ASP A 131 -19.76 -4.78 -5.53
C ASP A 131 -18.99 -3.92 -6.53
N GLU A 132 -19.53 -3.76 -7.73
CA GLU A 132 -18.78 -3.12 -8.80
C GLU A 132 -18.50 -1.65 -8.52
N THR A 133 -19.49 -0.95 -7.97
CA THR A 133 -19.35 0.44 -7.60
C THR A 133 -18.21 0.66 -6.60
N CYS A 134 -18.16 -0.16 -5.55
CA CYS A 134 -17.08 -0.08 -4.58
C CYS A 134 -15.72 -0.53 -5.14
N THR A 135 -15.73 -1.59 -5.93
CA THR A 135 -14.48 -2.04 -6.56
C THR A 135 -13.91 -0.90 -7.41
N ARG A 136 -14.74 -0.31 -8.26
CA ARG A 136 -14.31 0.76 -9.14
C ARG A 136 -13.74 1.96 -8.36
N PHE A 137 -14.45 2.41 -7.34
CA PHE A 137 -13.99 3.57 -6.59
C PHE A 137 -12.66 3.32 -5.88
N TYR A 138 -12.56 2.25 -5.11
CA TYR A 138 -11.33 1.97 -4.40
C TYR A 138 -10.16 1.62 -5.31
N THR A 139 -10.43 0.92 -6.40
CA THR A 139 -9.38 0.68 -7.40
C THR A 139 -8.89 2.01 -7.98
N ALA A 140 -9.82 2.93 -8.24
CA ALA A 140 -9.46 4.21 -8.82
C ALA A 140 -8.59 5.00 -7.86
N GLU A 141 -8.92 4.96 -6.57
CA GLU A 141 -8.08 5.65 -5.58
C GLU A 141 -6.67 5.06 -5.55
N ILE A 142 -6.59 3.73 -5.59
CA ILE A 142 -5.29 3.08 -5.59
C ILE A 142 -4.47 3.43 -6.84
N VAL A 143 -5.12 3.43 -8.01
CA VAL A 143 -4.46 3.83 -9.24
C VAL A 143 -3.94 5.28 -9.14
N SER A 144 -4.79 6.16 -8.64
CA SER A 144 -4.42 7.57 -8.52
C SER A 144 -3.23 7.73 -7.54
N ALA A 145 -3.22 6.93 -6.47
CA ALA A 145 -2.10 6.96 -5.52
C ALA A 145 -0.79 6.49 -6.17
N LEU A 146 -0.85 5.38 -6.92
CA LEU A 146 0.32 4.87 -7.61
C LEU A 146 0.82 5.88 -8.66
N GLU A 147 -0.10 6.53 -9.35
CA GLU A 147 0.34 7.52 -10.33
C GLU A 147 1.20 8.59 -9.66
N TYR A 148 0.74 9.05 -8.51
CA TYR A 148 1.50 10.04 -7.74
C TYR A 148 2.84 9.47 -7.30
N LEU A 149 2.82 8.28 -6.73
CA LEU A 149 4.03 7.68 -6.18
C LEU A 149 5.05 7.46 -7.29
N HIS A 150 4.60 6.83 -8.37
CA HIS A 150 5.50 6.52 -9.48
C HIS A 150 6.01 7.77 -10.18
N GLY A 151 5.18 8.82 -10.18
CA GLY A 151 5.59 10.10 -10.72
C GLY A 151 6.74 10.69 -9.92
N LYS A 152 6.92 10.23 -8.68
CA LYS A 152 8.06 10.68 -7.87
C LYS A 152 9.22 9.69 -7.92
N GLY A 153 9.13 8.71 -8.80
CA GLY A 153 10.21 7.76 -8.96
C GLY A 153 10.34 6.82 -7.77
N ILE A 154 9.21 6.51 -7.14
CA ILE A 154 9.23 5.60 -6.00
C ILE A 154 8.35 4.40 -6.28
N ILE A 155 8.88 3.22 -5.98
CA ILE A 155 8.15 1.97 -6.11
C ILE A 155 7.86 1.45 -4.71
N HIS A 156 6.63 1.04 -4.45
CA HIS A 156 6.25 0.56 -3.12
C HIS A 156 6.92 -0.80 -2.82
N ARG A 157 6.74 -1.76 -3.74
CA ARG A 157 7.33 -3.10 -3.65
C ARG A 157 6.64 -4.05 -2.68
N ASP A 158 5.71 -3.56 -1.87
CA ASP A 158 5.01 -4.48 -0.97
C ASP A 158 3.56 -4.04 -0.80
N LEU A 159 2.94 -3.66 -1.91
CA LEU A 159 1.58 -3.17 -1.89
C LEU A 159 0.58 -4.32 -1.68
N LYS A 160 -0.38 -4.13 -0.79
CA LYS A 160 -1.31 -5.20 -0.44
C LYS A 160 -2.41 -4.65 0.44
N PRO A 161 -3.52 -5.39 0.57
CA PRO A 161 -4.66 -4.79 1.29
C PRO A 161 -4.34 -4.55 2.76
N GLU A 162 -3.27 -5.17 3.28
CA GLU A 162 -2.87 -4.95 4.68
C GLU A 162 -2.27 -3.57 4.90
N ASN A 163 -1.70 -2.97 3.87
CA ASN A 163 -1.11 -1.64 4.05
C ASN A 163 -1.78 -0.56 3.23
N ILE A 164 -2.98 -0.87 2.76
CA ILE A 164 -3.86 0.15 2.21
C ILE A 164 -4.89 0.38 3.31
N LEU A 165 -4.75 1.49 4.03
CA LEU A 165 -5.64 1.72 5.17
C LEU A 165 -6.82 2.57 4.76
N LEU A 166 -7.80 2.69 5.66
CA LEU A 166 -8.97 3.52 5.43
C LEU A 166 -9.08 4.61 6.51
N ASN A 167 -9.15 5.85 6.08
CA ASN A 167 -9.26 6.93 7.05
C ASN A 167 -10.70 7.01 7.60
N GLU A 168 -10.91 7.86 8.59
CA GLU A 168 -12.23 8.06 9.16
C GLU A 168 -13.27 8.32 8.06
N ASP A 169 -12.86 9.04 7.02
CA ASP A 169 -13.77 9.36 5.93
C ASP A 169 -13.87 8.29 4.85
N MET A 170 -13.19 7.16 5.06
CA MET A 170 -13.27 5.98 4.18
C MET A 170 -12.55 6.14 2.83
N HIS A 171 -11.69 7.14 2.74
CA HIS A 171 -10.71 7.24 1.66
C HIS A 171 -9.45 6.45 2.04
N ILE A 172 -8.71 5.97 1.06
CA ILE A 172 -7.53 5.16 1.37
C ILE A 172 -6.37 6.02 1.84
N GLN A 173 -5.50 5.38 2.62
CA GLN A 173 -4.22 5.97 2.98
C GLN A 173 -3.21 4.82 2.98
N ILE A 174 -2.31 4.87 2.02
CA ILE A 174 -1.33 3.81 1.85
C ILE A 174 -0.13 4.03 2.77
N THR A 175 0.38 2.96 3.37
CA THR A 175 1.46 3.11 4.33
C THR A 175 2.53 2.03 4.11
N ASP A 176 3.52 1.98 5.00
CA ASP A 176 4.50 0.88 5.06
C ASP A 176 5.52 0.99 3.94
N PHE A 177 6.50 1.88 4.13
CA PHE A 177 7.43 2.23 3.04
C PHE A 177 8.90 1.84 3.26
N GLY A 178 9.18 1.09 4.31
CA GLY A 178 10.57 0.74 4.57
C GLY A 178 11.18 -0.05 3.41
N THR A 179 10.33 -0.81 2.73
CA THR A 179 10.79 -1.68 1.65
C THR A 179 10.66 -1.02 0.27
N ALA A 180 10.36 0.28 0.24
CA ALA A 180 10.16 0.95 -1.03
C ALA A 180 11.49 1.08 -1.76
N LYS A 181 11.44 1.27 -3.06
CA LYS A 181 12.66 1.53 -3.81
C LYS A 181 12.57 2.91 -4.43
N VAL A 182 13.68 3.64 -4.42
CA VAL A 182 13.71 4.99 -4.97
C VAL A 182 14.61 4.98 -6.21
N LEU A 183 14.01 5.28 -7.36
CA LEU A 183 14.75 5.22 -8.63
C LEU A 183 15.64 6.44 -8.87
N SER A 184 16.80 6.20 -9.49
CA SER A 184 17.66 7.27 -10.00
C SER A 184 18.95 6.68 -10.58
N SEP A 194 16.67 -7.20 -4.02
CA SEP A 194 17.15 -7.44 -2.66
CB SEP A 194 17.68 -6.13 -2.03
OG SEP A 194 16.63 -5.37 -1.46
C SEP A 194 16.06 -8.02 -1.76
O SEP A 194 16.27 -9.04 -1.10
P SEP A 194 17.01 -3.80 -1.47
O1P SEP A 194 15.97 -2.97 -0.57
O2P SEP A 194 18.50 -3.63 -0.86
O3P SEP A 194 16.99 -3.25 -2.98
N PHE A 195 14.90 -7.37 -1.78
CA PHE A 195 13.78 -7.73 -0.91
C PHE A 195 12.60 -8.30 -1.71
N VAL A 196 11.96 -9.31 -1.17
CA VAL A 196 10.77 -9.91 -1.78
C VAL A 196 9.56 -9.68 -0.89
N GLY A 197 8.52 -9.08 -1.45
CA GLY A 197 7.34 -8.72 -0.68
C GLY A 197 6.50 -9.92 -0.24
N THR A 198 5.28 -9.62 0.19
CA THR A 198 4.32 -10.63 0.64
C THR A 198 3.97 -11.61 -0.49
N ALA A 199 4.07 -12.90 -0.19
CA ALA A 199 4.06 -13.96 -1.21
C ALA A 199 2.96 -13.81 -2.25
N GLN A 200 1.72 -13.61 -1.80
CA GLN A 200 0.58 -13.59 -2.70
C GLN A 200 0.61 -12.49 -3.77
N TYR A 201 1.37 -11.43 -3.50
CA TYR A 201 1.36 -10.24 -4.37
C TYR A 201 2.70 -10.03 -5.09
N VAL A 202 3.63 -10.95 -4.89
CA VAL A 202 4.96 -10.87 -5.52
C VAL A 202 4.87 -11.02 -7.04
N SER A 203 5.58 -10.14 -7.76
CA SER A 203 5.53 -10.18 -9.22
C SER A 203 6.53 -11.21 -9.72
N PRO A 204 6.29 -11.75 -10.92
CA PRO A 204 7.15 -12.83 -11.43
C PRO A 204 8.60 -12.41 -11.56
N GLU A 205 8.87 -11.15 -11.91
CA GLU A 205 10.23 -10.69 -12.13
C GLU A 205 11.07 -10.79 -10.86
N LEU A 206 10.42 -10.65 -9.72
CA LEU A 206 11.12 -10.81 -8.46
C LEU A 206 11.50 -12.27 -8.20
N LEU A 207 10.78 -13.18 -8.83
CA LEU A 207 11.05 -14.60 -8.63
C LEU A 207 12.07 -15.13 -9.63
N THR A 208 12.28 -14.38 -10.72
CA THR A 208 13.05 -14.88 -11.85
C THR A 208 14.24 -14.01 -12.20
N GLU A 209 14.53 -13.00 -11.39
CA GLU A 209 15.48 -11.99 -11.84
C GLU A 209 15.94 -11.13 -10.68
N LYS A 210 15.14 -11.13 -9.61
CA LYS A 210 15.44 -10.35 -8.41
C LYS A 210 15.49 -8.85 -8.75
N SER A 211 14.56 -8.39 -9.58
CA SER A 211 14.57 -7.01 -10.07
C SER A 211 13.20 -6.32 -10.12
N ALA A 212 12.98 -5.33 -9.26
CA ALA A 212 11.69 -4.64 -9.20
C ALA A 212 11.64 -3.34 -10.03
N CYS A 213 10.44 -3.01 -10.52
CA CYS A 213 10.23 -1.77 -11.25
C CYS A 213 8.84 -1.24 -10.93
N LYS A 214 8.48 -0.09 -11.49
CA LYS A 214 7.16 0.46 -11.25
C LYS A 214 6.09 -0.58 -11.55
N SER A 215 6.39 -1.39 -12.56
CA SER A 215 5.45 -2.39 -13.03
C SER A 215 5.19 -3.48 -12.01
N SER A 216 6.09 -3.65 -11.04
CA SER A 216 5.86 -4.64 -9.98
C SER A 216 4.67 -4.21 -9.13
N ASP A 217 4.52 -2.91 -8.92
CA ASP A 217 3.37 -2.37 -8.19
C ASP A 217 2.05 -2.58 -8.96
N LEU A 218 2.12 -2.51 -10.28
CA LEU A 218 0.94 -2.71 -11.15
C LEU A 218 0.49 -4.16 -11.13
N TRP A 219 1.46 -5.07 -11.03
CA TRP A 219 1.12 -6.47 -10.78
C TRP A 219 0.36 -6.61 -9.46
N ALA A 220 0.87 -6.01 -8.39
CA ALA A 220 0.19 -6.10 -7.11
C ALA A 220 -1.21 -5.50 -7.23
N LEU A 221 -1.33 -4.39 -7.94
CA LEU A 221 -2.64 -3.79 -8.21
C LEU A 221 -3.60 -4.81 -8.85
N GLY A 222 -3.12 -5.53 -9.87
CA GLY A 222 -3.95 -6.56 -10.47
C GLY A 222 -4.42 -7.60 -9.47
N CYS A 223 -3.52 -8.03 -8.60
CA CYS A 223 -3.90 -9.00 -7.55
C CYS A 223 -4.97 -8.43 -6.63
N ILE A 224 -4.81 -7.16 -6.27
CA ILE A 224 -5.70 -6.51 -5.31
C ILE A 224 -7.09 -6.30 -5.89
N ILE A 225 -7.16 -5.87 -7.15
CA ILE A 225 -8.45 -5.79 -7.85
C ILE A 225 -9.14 -7.15 -7.86
N TYR A 226 -8.39 -8.18 -8.23
CA TYR A 226 -8.92 -9.54 -8.21
C TYR A 226 -9.51 -9.89 -6.84
N GLN A 227 -8.76 -9.59 -5.78
CA GLN A 227 -9.19 -9.90 -4.42
C GLN A 227 -10.43 -9.10 -4.02
N LEU A 228 -10.52 -7.84 -4.44
CA LEU A 228 -11.70 -7.05 -4.13
C LEU A 228 -12.94 -7.68 -4.73
N VAL A 229 -12.80 -8.17 -5.96
CA VAL A 229 -13.93 -8.72 -6.71
C VAL A 229 -14.29 -10.15 -6.30
N ALA A 230 -13.26 -10.99 -6.16
CA ALA A 230 -13.44 -12.42 -5.86
C ALA A 230 -13.50 -12.71 -4.37
N GLY A 231 -12.92 -11.81 -3.57
CA GLY A 231 -12.86 -11.99 -2.13
C GLY A 231 -11.58 -12.68 -1.67
N LEU A 232 -10.79 -13.17 -2.62
CA LEU A 232 -9.53 -13.87 -2.33
C LEU A 232 -8.47 -13.48 -3.37
N PRO A 233 -7.18 -13.53 -2.99
CA PRO A 233 -6.06 -13.27 -3.91
C PRO A 233 -6.02 -14.34 -5.00
N PRO A 234 -5.52 -14.00 -6.20
CA PRO A 234 -5.61 -14.96 -7.30
C PRO A 234 -4.62 -16.12 -7.20
N PHE A 235 -3.45 -15.90 -6.61
CA PHE A 235 -2.49 -16.98 -6.46
C PHE A 235 -2.51 -17.46 -5.01
N ARG A 236 -3.09 -18.65 -4.82
CA ARG A 236 -3.28 -19.23 -3.50
C ARG A 236 -2.76 -20.66 -3.50
N ALA A 237 -2.16 -21.07 -2.40
CA ALA A 237 -1.66 -22.44 -2.30
C ALA A 237 -1.26 -22.76 -0.88
N GLY A 238 -0.85 -24.00 -0.64
CA GLY A 238 -0.59 -24.48 0.71
C GLY A 238 0.62 -23.86 1.39
N ASN A 239 1.57 -23.37 0.60
CA ASN A 239 2.76 -22.77 1.17
C ASN A 239 3.38 -21.79 0.19
N GLU A 240 4.41 -21.08 0.61
CA GLU A 240 5.01 -20.04 -0.22
C GLU A 240 5.54 -20.59 -1.53
N TYR A 241 6.17 -21.75 -1.45
CA TYR A 241 6.80 -22.31 -2.63
C TYR A 241 5.77 -22.55 -3.73
N LEU A 242 4.66 -23.16 -3.36
CA LEU A 242 3.59 -23.44 -4.32
C LEU A 242 2.94 -22.18 -4.88
N ILE A 243 2.88 -21.12 -4.07
CA ILE A 243 2.34 -19.85 -4.54
C ILE A 243 3.26 -19.31 -5.64
N PHE A 244 4.56 -19.28 -5.35
CA PHE A 244 5.56 -18.80 -6.29
C PHE A 244 5.54 -19.60 -7.58
N GLN A 245 5.29 -20.90 -7.45
CA GLN A 245 5.22 -21.75 -8.63
C GLN A 245 4.06 -21.32 -9.50
N LYS A 246 2.91 -21.05 -8.87
CA LYS A 246 1.76 -20.58 -9.62
C LYS A 246 2.01 -19.23 -10.30
N ILE A 247 2.62 -18.31 -9.56
CA ILE A 247 2.91 -16.99 -10.09
C ILE A 247 3.73 -17.09 -11.39
N ILE A 248 4.89 -17.75 -11.34
CA ILE A 248 5.73 -17.79 -12.53
C ILE A 248 5.06 -18.51 -13.71
N LYS A 249 4.03 -19.31 -13.43
CA LYS A 249 3.30 -19.98 -14.52
C LYS A 249 2.03 -19.24 -14.88
N LEU A 250 1.78 -18.12 -14.22
CA LEU A 250 0.52 -17.38 -14.39
C LEU A 250 -0.68 -18.32 -14.21
N GLU A 251 -0.62 -19.16 -13.20
CA GLU A 251 -1.66 -20.15 -12.98
C GLU A 251 -2.73 -19.63 -12.00
N TYR A 252 -3.78 -19.06 -12.55
CA TYR A 252 -4.92 -18.61 -11.75
C TYR A 252 -6.11 -18.59 -12.68
N ASP A 253 -7.30 -18.43 -12.13
CA ASP A 253 -8.47 -18.27 -12.99
C ASP A 253 -9.54 -17.44 -12.32
N PHE A 254 -10.46 -16.94 -13.13
CA PHE A 254 -11.52 -16.07 -12.65
C PHE A 254 -12.77 -16.87 -12.31
N PRO A 255 -13.44 -16.52 -11.21
CA PRO A 255 -14.75 -17.09 -10.91
C PRO A 255 -15.74 -16.62 -11.96
N GLU A 256 -16.86 -17.33 -12.11
CA GLU A 256 -17.90 -16.92 -13.04
C GLU A 256 -18.44 -15.54 -12.67
N LYS A 257 -18.56 -15.29 -11.38
CA LYS A 257 -19.05 -14.00 -10.89
C LYS A 257 -17.87 -13.02 -10.77
N PHE A 258 -17.48 -12.46 -11.90
CA PHE A 258 -16.40 -11.49 -11.94
C PHE A 258 -16.76 -10.44 -12.99
N PHE A 259 -16.94 -9.19 -12.58
CA PHE A 259 -17.34 -8.12 -13.50
C PHE A 259 -16.46 -8.18 -14.76
N PRO A 260 -17.10 -8.37 -15.93
CA PRO A 260 -16.36 -8.58 -17.19
C PRO A 260 -15.31 -7.53 -17.49
N LYS A 261 -15.62 -6.26 -17.24
CA LYS A 261 -14.65 -5.21 -17.51
C LYS A 261 -13.51 -5.25 -16.50
N ALA A 262 -13.83 -5.61 -15.25
CA ALA A 262 -12.79 -5.80 -14.24
C ALA A 262 -11.90 -6.98 -14.64
N ARG A 263 -12.48 -8.06 -15.15
CA ARG A 263 -11.68 -9.20 -15.59
C ARG A 263 -10.71 -8.78 -16.69
N ASP A 264 -11.21 -8.03 -17.67
CA ASP A 264 -10.34 -7.54 -18.74
C ASP A 264 -9.17 -6.71 -18.19
N LEU A 265 -9.48 -5.83 -17.24
CA LEU A 265 -8.44 -5.00 -16.63
C LEU A 265 -7.39 -5.85 -15.90
N VAL A 266 -7.86 -6.81 -15.11
CA VAL A 266 -6.94 -7.68 -14.39
C VAL A 266 -6.06 -8.45 -15.38
N GLU A 267 -6.66 -8.96 -16.46
CA GLU A 267 -5.88 -9.66 -17.48
C GLU A 267 -4.81 -8.77 -18.12
N LYS A 268 -4.99 -7.46 -18.06
CA LYS A 268 -4.00 -6.54 -18.63
C LYS A 268 -2.95 -6.08 -17.62
N LEU A 269 -3.13 -6.48 -16.37
CA LEU A 269 -2.15 -6.19 -15.32
C LEU A 269 -1.36 -7.44 -14.92
N LEU A 270 -2.04 -8.57 -14.80
CA LEU A 270 -1.36 -9.81 -14.47
C LEU A 270 -0.75 -10.41 -15.75
N VAL A 271 0.32 -9.78 -16.21
CA VAL A 271 1.02 -10.21 -17.41
C VAL A 271 2.45 -10.53 -17.02
N LEU A 272 2.96 -11.69 -17.44
CA LEU A 272 4.32 -12.07 -17.01
C LEU A 272 5.37 -11.05 -17.42
N ASP A 273 5.30 -10.62 -18.67
CA ASP A 273 6.23 -9.62 -19.19
C ASP A 273 5.89 -8.27 -18.57
N ALA A 274 6.78 -7.78 -17.74
CA ALA A 274 6.54 -6.54 -16.98
C ALA A 274 6.37 -5.31 -17.87
N THR A 275 6.92 -5.36 -19.07
CA THR A 275 6.87 -4.20 -19.96
C THR A 275 5.54 -4.13 -20.68
N LYS A 276 4.70 -5.13 -20.46
CA LYS A 276 3.41 -5.18 -21.13
C LYS A 276 2.21 -4.98 -20.21
N ARG A 277 2.46 -4.57 -18.96
CA ARG A 277 1.36 -4.27 -18.04
C ARG A 277 0.79 -2.87 -18.26
N LEU A 278 -0.54 -2.78 -18.31
CA LEU A 278 -1.22 -1.53 -18.48
C LEU A 278 -0.79 -0.58 -17.36
N GLY A 279 -0.39 0.64 -17.73
CA GLY A 279 0.07 1.60 -16.73
C GLY A 279 1.58 1.76 -16.69
N CYS A 280 2.32 0.79 -17.21
CA CYS A 280 3.77 0.91 -17.17
C CYS A 280 4.28 1.83 -18.28
N GLU A 281 5.51 2.33 -18.11
CA GLU A 281 6.11 3.28 -19.05
C GLU A 281 6.13 2.80 -20.50
N GLU A 282 6.47 1.53 -20.71
CA GLU A 282 6.48 0.93 -22.04
C GLU A 282 5.06 0.80 -22.65
N MET A 283 4.05 0.93 -21.80
CA MET A 283 2.66 0.93 -22.27
C MET A 283 2.12 2.35 -22.24
N GLU A 284 3.04 3.31 -22.13
CA GLU A 284 2.71 4.73 -22.15
C GLU A 284 1.94 5.22 -20.92
N GLY A 285 2.14 4.55 -19.80
CA GLY A 285 1.81 5.13 -18.52
C GLY A 285 0.35 5.13 -18.09
N TYR A 286 0.01 6.12 -17.27
CA TYR A 286 -1.26 6.10 -16.57
C TYR A 286 -2.46 6.50 -17.40
N GLY A 287 -2.22 7.20 -18.51
CA GLY A 287 -3.30 7.58 -19.40
C GLY A 287 -4.14 6.40 -19.86
N PRO A 288 -3.52 5.44 -20.56
CA PRO A 288 -4.28 4.29 -21.05
C PRO A 288 -4.88 3.45 -19.90
N LEU A 289 -4.21 3.39 -18.76
CA LEU A 289 -4.76 2.66 -17.61
C LEU A 289 -6.05 3.32 -17.13
N LYS A 290 -5.99 4.63 -16.87
CA LYS A 290 -7.18 5.36 -16.42
C LYS A 290 -8.29 5.38 -17.48
N ALA A 291 -7.92 5.22 -18.74
CA ALA A 291 -8.90 5.18 -19.83
C ALA A 291 -9.58 3.82 -20.01
N HIS A 292 -9.16 2.82 -19.25
CA HIS A 292 -9.75 1.49 -19.40
C HIS A 292 -11.25 1.54 -19.18
N PRO A 293 -12.01 0.76 -19.97
CA PRO A 293 -13.48 0.74 -19.87
C PRO A 293 -13.98 0.47 -18.46
N PHE A 294 -13.24 -0.25 -17.62
CA PHE A 294 -13.70 -0.48 -16.26
C PHE A 294 -13.88 0.84 -15.51
N PHE A 295 -13.10 1.85 -15.87
CA PHE A 295 -13.14 3.14 -15.16
C PHE A 295 -14.01 4.20 -15.85
N GLU A 296 -14.91 3.76 -16.71
CA GLU A 296 -15.69 4.69 -17.54
C GLU A 296 -16.31 5.85 -16.76
N SER A 297 -17.00 5.52 -15.67
CA SER A 297 -17.72 6.57 -14.94
C SER A 297 -16.85 7.32 -13.91
N VAL A 298 -15.55 7.06 -13.89
CA VAL A 298 -14.69 7.68 -12.88
C VAL A 298 -14.30 9.11 -13.24
N THR A 299 -14.41 10.01 -12.26
CA THR A 299 -13.81 11.34 -12.39
C THR A 299 -12.50 11.34 -11.60
N TRP A 300 -11.38 11.36 -12.31
CA TRP A 300 -10.07 11.16 -11.70
C TRP A 300 -9.50 12.40 -11.02
N GLU A 301 -10.02 13.57 -11.40
CA GLU A 301 -9.47 14.84 -10.96
C GLU A 301 -9.55 15.04 -9.45
N ASN A 302 -10.65 14.63 -8.84
CA ASN A 302 -10.91 14.99 -7.44
C ASN A 302 -11.46 13.85 -6.61
N LEU A 303 -10.88 12.66 -6.75
CA LEU A 303 -11.40 11.49 -6.05
C LEU A 303 -11.48 11.70 -4.54
N HIS A 304 -10.49 12.39 -3.97
CA HIS A 304 -10.47 12.61 -2.52
C HIS A 304 -11.63 13.49 -2.05
N GLN A 305 -12.17 14.31 -2.94
CA GLN A 305 -13.31 15.16 -2.61
C GLN A 305 -14.64 14.45 -2.80
N GLN A 306 -14.62 13.30 -3.47
CA GLN A 306 -15.85 12.56 -3.69
C GLN A 306 -16.19 11.75 -2.43
N THR A 307 -17.48 11.49 -2.24
CA THR A 307 -17.94 10.66 -1.12
C THR A 307 -17.86 9.18 -1.49
N PRO A 308 -17.09 8.39 -0.71
CA PRO A 308 -16.94 6.97 -1.07
C PRO A 308 -18.28 6.22 -1.02
N PRO A 309 -18.45 5.21 -1.89
CA PRO A 309 -19.64 4.35 -1.86
C PRO A 309 -19.69 3.58 -0.54
N LYS A 310 -20.90 3.39 -0.01
CA LYS A 310 -21.07 2.61 1.20
C LYS A 310 -20.69 1.14 0.96
N LEU A 311 -19.87 0.57 1.84
CA LEU A 311 -19.54 -0.84 1.81
C LEU A 311 -20.60 -1.66 2.56
C1 3Q5 B . -1.67 0.99 11.08
C2 3Q5 B . -0.40 0.68 10.61
C3 3Q5 B . 0.11 2.96 10.10
C4 3Q5 B . 2.36 0.03 9.87
C5 3Q5 B . -2.06 2.32 11.05
C6 3Q5 B . 0.49 1.64 10.13
C7 3Q5 B . -1.16 3.26 10.57
C8 3Q5 B . 1.82 1.27 9.64
C9 3Q5 B . 3.64 -0.21 9.40
C10 3Q5 B . -3.23 3.05 11.40
C11 3Q5 B . 3.75 1.93 8.61
C12 3Q5 B . 8.72 -1.98 9.61
C13 3Q5 B . 5.62 -3.61 10.52
C14 3Q5 B . 4.30 -3.19 11.17
C15 3Q5 B . 5.37 -1.86 8.82
C16 3Q5 B . 6.30 -2.41 9.88
C17 3Q5 B . 3.40 -2.52 10.16
C18 3Q5 B . 3.02 -3.49 9.08
C19 3Q5 B . 11.34 -1.81 10.65
C20 3Q5 B . 12.08 -2.80 8.52
C21 3Q5 B . 11.09 -0.54 8.50
C22 3Q5 B . 11.05 -1.90 9.17
N23 3Q5 B . 2.51 2.24 9.02
N24 3Q5 B . 4.36 0.75 8.80
N25 3Q5 B . -3.06 4.36 11.15
N26 3Q5 B . -1.81 4.46 10.66
N27 3Q5 B . 4.26 -1.46 9.65
N28 3Q5 B . -4.34 2.46 11.91
N29 3Q5 B . 4.51 2.92 7.96
N30 3Q5 B . 7.61 -2.77 9.38
O31 3Q5 B . 8.76 -0.96 10.28
O32 3Q5 B . 9.78 -2.51 8.95
S SO4 C . -6.50 18.68 12.73
O1 SO4 C . -7.95 18.70 12.59
O2 SO4 C . -5.96 17.64 11.86
O3 SO4 C . -5.91 19.98 12.36
O4 SO4 C . -6.15 18.39 14.11
C1 GOL D . -5.69 12.11 -6.79
O1 GOL D . -4.65 12.75 -7.46
C2 GOL D . -6.91 13.03 -6.81
O2 GOL D . -8.00 12.35 -7.40
C3 GOL D . -7.23 13.35 -5.35
O3 GOL D . -8.59 13.73 -5.27
C1 GOL E . -4.17 14.98 12.21
O1 GOL E . -2.97 15.67 12.44
C2 GOL E . -4.07 13.66 12.95
O2 GOL E . -5.36 13.10 13.05
C3 GOL E . -3.10 12.74 12.18
O3 GOL E . -3.60 11.43 12.18
#